data_4QTP
#
_entry.id   4QTP
#
_cell.length_a   58.170
_cell.length_b   58.300
_cell.length_c   58.900
_cell.angle_alpha   69.660
_cell.angle_beta   78.610
_cell.angle_gamma   78.940
#
_symmetry.space_group_name_H-M   'P 1'
#
loop_
_entity.id
_entity.type
_entity.pdbx_description
1 polymer 'Anti-sigma factor antagonist'
2 non-polymer 'CITRIC ACID'
3 non-polymer 1,2-ETHANEDIOL
4 non-polymer GLYCEROL
5 water water
#
_entity_poly.entity_id   1
_entity_poly.type   'polypeptide(L)'
_entity_poly.pdbx_seq_one_letter_code
;MAHHHHHHMGTLEAQTQGPGSMLSAPDSITTLVEDHDGVSVVSVSGEIDMVTAPALEQAIGAVVADSPPALVIDLSAVEF
LGSVGLKILAATYEKLGKETGFGVVARGPATRRPIHLTGLDKTFPLYPTLDDALTAVRDGKLNG
;
_entity_poly.pdbx_strand_id   A,B,C,D
#
loop_
_chem_comp.id
_chem_comp.type
_chem_comp.name
_chem_comp.formula
CIT non-polymer 'CITRIC ACID' 'C6 H8 O7'
EDO non-polymer 1,2-ETHANEDIOL 'C2 H6 O2'
GOL non-polymer GLYCEROL 'C3 H8 O3'
#
# COMPACT_ATOMS: atom_id res chain seq x y z
N SER A 24 -17.06 3.20 6.70
CA SER A 24 -16.88 3.83 8.03
C SER A 24 -18.13 3.60 8.90
N ALA A 25 -17.88 3.29 10.15
CA ALA A 25 -18.95 3.02 11.11
C ALA A 25 -19.22 4.30 11.91
N PRO A 26 -20.42 4.45 12.46
CA PRO A 26 -20.70 5.62 13.27
C PRO A 26 -19.75 5.74 14.46
N ASP A 27 -19.41 6.97 14.83
CA ASP A 27 -18.55 7.27 15.97
C ASP A 27 -17.29 6.45 16.04
N SER A 28 -16.66 6.21 14.88
CA SER A 28 -15.50 5.34 14.79
C SER A 28 -14.35 6.11 14.13
N ILE A 29 -13.15 5.81 14.59
CA ILE A 29 -11.93 6.49 14.13
C ILE A 29 -10.77 5.52 14.12
N THR A 30 -9.88 5.67 13.15
CA THR A 30 -8.65 4.94 13.08
C THR A 30 -7.54 5.98 12.96
N THR A 31 -6.51 5.83 13.79
N THR A 31 -6.51 5.85 13.82
CA THR A 31 -5.34 6.69 13.72
CA THR A 31 -5.31 6.71 13.75
C THR A 31 -4.06 5.84 13.56
C THR A 31 -4.05 5.84 13.57
N LEU A 32 -3.30 6.10 12.50
CA LEU A 32 -2.08 5.40 12.17
C LEU A 32 -0.95 6.41 12.25
N VAL A 33 0.10 6.04 12.96
CA VAL A 33 1.24 6.92 13.14
C VAL A 33 2.44 6.19 12.56
N GLU A 34 3.13 6.83 11.65
CA GLU A 34 4.18 6.23 10.85
C GLU A 34 5.27 7.25 10.54
N ASP A 35 6.53 6.83 10.70
CA ASP A 35 7.67 7.65 10.30
C ASP A 35 7.88 7.52 8.79
N HIS A 36 7.95 8.64 8.09
CA HIS A 36 8.36 8.61 6.70
C HIS A 36 9.70 9.36 6.60
N ASP A 37 10.80 8.63 6.75
CA ASP A 37 12.15 9.22 6.64
C ASP A 37 12.31 10.48 7.50
N GLY A 38 11.95 10.38 8.77
CA GLY A 38 12.06 11.49 9.73
C GLY A 38 10.81 12.35 9.89
N VAL A 39 9.89 12.30 8.93
CA VAL A 39 8.62 13.03 9.05
C VAL A 39 7.60 12.10 9.71
N SER A 40 7.05 12.46 10.87
CA SER A 40 5.94 11.67 11.43
C SER A 40 4.67 12.02 10.68
N VAL A 41 3.96 11.00 10.21
CA VAL A 41 2.69 11.15 9.55
C VAL A 41 1.62 10.50 10.41
N VAL A 42 0.65 11.30 10.82
CA VAL A 42 -0.54 10.82 11.51
C VAL A 42 -1.66 10.77 10.50
N SER A 43 -2.09 9.55 10.15
CA SER A 43 -3.16 9.36 9.18
C SER A 43 -4.45 8.95 9.88
N VAL A 44 -5.53 9.65 9.56
CA VAL A 44 -6.80 9.43 10.28
C VAL A 44 -7.87 8.99 9.29
N SER A 45 -8.69 8.05 9.73
CA SER A 45 -9.80 7.56 8.94
CA SER A 45 -9.81 7.54 8.94
C SER A 45 -11.04 7.60 9.81
N GLY A 46 -12.20 7.81 9.19
CA GLY A 46 -13.49 7.73 9.87
C GLY A 46 -14.05 9.10 10.12
N GLU A 47 -14.49 9.38 11.35
CA GLU A 47 -15.16 10.65 11.65
C GLU A 47 -14.53 11.27 12.89
N ILE A 48 -14.30 12.58 12.81
CA ILE A 48 -13.74 13.35 13.91
C ILE A 48 -14.86 14.23 14.49
N ASP A 49 -15.31 13.90 15.69
CA ASP A 49 -16.26 14.74 16.42
C ASP A 49 -16.06 14.56 17.90
N MET A 50 -16.98 15.09 18.72
CA MET A 50 -16.75 15.07 20.16
C MET A 50 -16.50 13.66 20.72
N VAL A 51 -17.11 12.63 20.14
CA VAL A 51 -16.98 11.27 20.64
C VAL A 51 -15.58 10.68 20.38
N THR A 52 -15.05 10.94 19.18
CA THR A 52 -13.76 10.40 18.77
C THR A 52 -12.55 11.33 19.04
N ALA A 53 -12.82 12.57 19.36
CA ALA A 53 -11.76 13.57 19.59
C ALA A 53 -10.73 13.19 20.65
N PRO A 54 -11.15 12.64 21.81
CA PRO A 54 -10.13 12.30 22.82
C PRO A 54 -9.11 11.30 22.31
N ALA A 55 -9.56 10.28 21.58
CA ALA A 55 -8.63 9.33 20.94
C ALA A 55 -7.63 10.03 20.00
N LEU A 56 -8.12 10.90 19.14
CA LEU A 56 -7.25 11.60 18.21
C LEU A 56 -6.27 12.52 18.97
N GLU A 57 -6.79 13.24 19.95
CA GLU A 57 -5.95 14.15 20.76
C GLU A 57 -4.80 13.41 21.44
N GLN A 58 -5.10 12.26 22.03
CA GLN A 58 -4.06 11.48 22.71
C GLN A 58 -2.99 11.00 21.74
N ALA A 59 -3.40 10.50 20.57
CA ALA A 59 -2.45 10.07 19.56
C ALA A 59 -1.53 11.19 19.12
N ILE A 60 -2.10 12.34 18.73
CA ILE A 60 -1.28 13.46 18.27
C ILE A 60 -0.37 13.95 19.41
N GLY A 61 -0.91 14.02 20.62
CA GLY A 61 -0.15 14.48 21.78
C GLY A 61 1.13 13.69 22.03
N ALA A 62 1.03 12.37 21.91
CA ALA A 62 2.19 11.52 22.03
C ALA A 62 3.23 11.77 20.92
N VAL A 63 2.79 12.04 19.69
CA VAL A 63 3.71 12.39 18.58
C VAL A 63 4.40 13.72 18.87
N VAL A 64 3.62 14.72 19.24
CA VAL A 64 4.15 16.04 19.55
C VAL A 64 5.17 15.92 20.69
N ALA A 65 4.89 15.07 21.68
CA ALA A 65 5.82 14.89 22.84
C ALA A 65 7.19 14.33 22.44
N ASP A 66 7.25 13.64 21.30
CA ASP A 66 8.51 13.10 20.76
C ASP A 66 9.32 14.10 19.91
N SER A 67 8.82 15.33 19.76
CA SER A 67 9.54 16.41 19.08
C SER A 67 10.05 15.95 17.72
N PRO A 68 9.13 15.53 16.81
CA PRO A 68 9.59 15.18 15.46
C PRO A 68 10.10 16.42 14.70
N PRO A 69 10.99 16.22 13.71
CA PRO A 69 11.43 17.38 12.93
C PRO A 69 10.35 17.97 12.05
N ALA A 70 9.38 17.12 11.70
CA ALA A 70 8.21 17.56 10.96
C ALA A 70 7.02 16.62 11.20
N LEU A 71 5.82 17.17 11.06
CA LEU A 71 4.58 16.43 11.33
C LEU A 71 3.60 16.74 10.22
N VAL A 72 3.04 15.68 9.64
CA VAL A 72 1.93 15.85 8.71
C VAL A 72 0.74 15.10 9.27
N ILE A 73 -0.43 15.75 9.27
N ILE A 73 -0.43 15.75 9.26
CA ILE A 73 -1.67 15.11 9.63
CA ILE A 73 -1.68 15.09 9.60
C ILE A 73 -2.44 14.87 8.33
C ILE A 73 -2.45 14.87 8.32
N ASP A 74 -2.64 13.61 7.98
CA ASP A 74 -3.31 13.23 6.72
C ASP A 74 -4.77 12.89 7.00
N LEU A 75 -5.68 13.73 6.53
CA LEU A 75 -7.12 13.57 6.71
C LEU A 75 -7.75 13.04 5.45
N SER A 76 -6.96 12.51 4.50
CA SER A 76 -7.53 11.97 3.27
C SER A 76 -8.67 11.00 3.48
N ALA A 77 -8.55 10.09 4.45
CA ALA A 77 -9.60 9.09 4.70
C ALA A 77 -10.65 9.49 5.72
N VAL A 78 -10.70 10.76 6.10
CA VAL A 78 -11.72 11.24 7.05
C VAL A 78 -12.98 11.59 6.27
N GLU A 79 -14.11 11.02 6.68
CA GLU A 79 -15.37 11.23 5.99
C GLU A 79 -16.21 12.35 6.58
N PHE A 80 -15.93 12.72 7.83
CA PHE A 80 -16.64 13.78 8.49
C PHE A 80 -15.65 14.45 9.43
N LEU A 81 -15.49 15.77 9.28
CA LEU A 81 -14.61 16.58 10.11
C LEU A 81 -15.49 17.59 10.81
N GLY A 82 -15.63 17.46 12.13
CA GLY A 82 -16.46 18.39 12.88
C GLY A 82 -15.62 19.49 13.49
N SER A 83 -16.29 20.42 14.17
N SER A 83 -16.28 20.41 14.17
CA SER A 83 -15.62 21.59 14.76
CA SER A 83 -15.61 21.59 14.75
C SER A 83 -14.47 21.24 15.71
C SER A 83 -14.46 21.24 15.70
N VAL A 84 -14.66 20.25 16.56
CA VAL A 84 -13.62 19.86 17.51
C VAL A 84 -12.36 19.37 16.77
N GLY A 85 -12.55 18.82 15.57
CA GLY A 85 -11.44 18.47 14.79
C GLY A 85 -10.60 19.65 14.34
N LEU A 86 -11.25 20.74 13.98
CA LEU A 86 -10.55 21.97 13.67
C LEU A 86 -9.79 22.51 14.88
N LYS A 87 -10.43 22.45 16.04
CA LYS A 87 -9.78 22.88 17.29
C LYS A 87 -8.50 22.09 17.55
N ILE A 88 -8.56 20.78 17.30
CA ILE A 88 -7.41 19.90 17.44
C ILE A 88 -6.28 20.28 16.49
N LEU A 89 -6.61 20.54 15.23
CA LEU A 89 -5.60 20.97 14.27
C LEU A 89 -4.91 22.28 14.70
N ALA A 90 -5.71 23.27 15.09
CA ALA A 90 -5.18 24.56 15.48
C ALA A 90 -4.34 24.40 16.77
N ALA A 91 -4.80 23.60 17.73
CA ALA A 91 -4.07 23.43 19.00
C ALA A 91 -2.75 22.68 18.78
N THR A 92 -2.77 21.74 17.84
CA THR A 92 -1.57 21.02 17.46
C THR A 92 -0.53 21.98 16.90
N TYR A 93 -0.93 22.78 15.91
CA TYR A 93 -0.03 23.73 15.29
C TYR A 93 0.54 24.69 16.34
N GLU A 94 -0.32 25.19 17.23
CA GLU A 94 0.06 26.19 18.26
C GLU A 94 1.12 25.68 19.25
N LYS A 95 1.17 24.38 19.51
CA LYS A 95 2.13 23.79 20.43
C LYS A 95 3.40 23.19 19.81
N LEU A 96 3.51 23.11 18.48
CA LEU A 96 4.72 22.54 17.86
C LEU A 96 5.95 23.43 18.08
N GLY A 97 7.11 22.82 17.95
CA GLY A 97 8.37 23.55 17.99
C GLY A 97 8.34 24.65 16.95
N LYS A 98 9.04 25.73 17.23
CA LYS A 98 9.03 26.87 16.34
C LYS A 98 9.61 26.55 14.95
N GLU A 99 10.47 25.54 14.85
CA GLU A 99 11.13 25.21 13.60
C GLU A 99 10.64 23.87 13.05
N THR A 100 9.57 23.33 13.62
CA THR A 100 9.04 22.04 13.23
C THR A 100 8.17 22.22 11.98
N GLY A 101 8.43 21.45 10.95
CA GLY A 101 7.58 21.49 9.75
C GLY A 101 6.19 20.95 10.08
N PHE A 102 5.16 21.52 9.44
CA PHE A 102 3.79 21.07 9.66
C PHE A 102 2.99 21.24 8.38
N GLY A 103 2.18 20.24 8.10
CA GLY A 103 1.17 20.33 7.04
C GLY A 103 0.00 19.45 7.32
N VAL A 104 -1.13 19.77 6.68
CA VAL A 104 -2.33 18.96 6.77
C VAL A 104 -2.73 18.59 5.34
N VAL A 105 -3.10 17.34 5.15
CA VAL A 105 -3.59 16.86 3.85
C VAL A 105 -5.09 16.73 3.93
N ALA A 106 -5.82 17.35 2.98
CA ALA A 106 -7.27 17.19 2.93
C ALA A 106 -7.73 17.18 1.48
N ARG A 107 -8.63 16.25 1.19
CA ARG A 107 -9.19 16.08 -0.14
C ARG A 107 -10.71 16.09 -0.05
N GLY A 108 -11.34 16.87 -0.90
CA GLY A 108 -12.79 16.90 -0.99
C GLY A 108 -13.40 17.81 0.07
N PRO A 109 -14.67 18.17 -0.14
CA PRO A 109 -15.28 19.23 0.68
C PRO A 109 -15.51 18.91 2.16
N ALA A 110 -15.71 17.63 2.50
CA ALA A 110 -16.00 17.31 3.89
C ALA A 110 -14.89 17.77 4.82
N THR A 111 -13.64 17.67 4.36
CA THR A 111 -12.52 18.09 5.19
C THR A 111 -12.03 19.50 4.78
N ARG A 112 -11.99 19.78 3.47
CA ARG A 112 -11.40 21.04 3.00
C ARG A 112 -12.29 22.24 3.31
N ARG A 113 -13.60 22.08 3.20
CA ARG A 113 -14.50 23.22 3.42
C ARG A 113 -14.43 23.75 4.89
N PRO A 114 -14.50 22.88 5.90
CA PRO A 114 -14.37 23.42 7.29
C PRO A 114 -13.04 24.15 7.53
N ILE A 115 -11.98 23.60 6.99
CA ILE A 115 -10.66 24.22 7.14
C ILE A 115 -10.65 25.60 6.46
N HIS A 116 -11.14 25.66 5.22
CA HIS A 116 -11.17 26.92 4.49
CA HIS A 116 -11.22 26.91 4.46
C HIS A 116 -12.10 27.96 5.15
N LEU A 117 -13.30 27.55 5.56
CA LEU A 117 -14.33 28.47 6.14
C LEU A 117 -13.83 29.16 7.39
N THR A 118 -13.05 28.43 8.16
CA THR A 118 -12.54 28.95 9.41
C THR A 118 -11.18 29.59 9.26
N GLY A 119 -10.63 29.60 8.05
CA GLY A 119 -9.39 30.31 7.80
C GLY A 119 -8.15 29.59 8.24
N LEU A 120 -8.29 28.32 8.66
CA LEU A 120 -7.16 27.61 9.20
C LEU A 120 -6.07 27.37 8.17
N ASP A 121 -6.45 27.28 6.89
CA ASP A 121 -5.46 27.18 5.83
C ASP A 121 -4.66 28.47 5.59
N LYS A 122 -4.99 29.55 6.27
CA LYS A 122 -4.14 30.74 6.29
C LYS A 122 -3.14 30.67 7.44
N THR A 123 -3.38 29.78 8.39
CA THR A 123 -2.52 29.61 9.57
C THR A 123 -1.43 28.59 9.35
N PHE A 124 -1.79 27.48 8.71
CA PHE A 124 -0.81 26.46 8.36
C PHE A 124 -1.09 25.94 6.95
N PRO A 125 -0.11 25.28 6.34
CA PRO A 125 -0.27 24.82 4.97
C PRO A 125 -1.22 23.64 4.83
N LEU A 126 -2.14 23.74 3.89
CA LEU A 126 -3.03 22.66 3.52
C LEU A 126 -2.59 22.10 2.15
N TYR A 127 -2.48 20.78 2.02
CA TYR A 127 -2.04 20.12 0.80
C TYR A 127 -3.13 19.16 0.29
N PRO A 128 -3.17 18.90 -1.02
CA PRO A 128 -4.15 17.97 -1.57
C PRO A 128 -3.70 16.50 -1.49
N THR A 129 -2.41 16.24 -1.33
CA THR A 129 -1.91 14.89 -1.22
C THR A 129 -0.79 14.81 -0.22
N LEU A 130 -0.51 13.60 0.25
CA LEU A 130 0.57 13.37 1.17
C LEU A 130 1.92 13.64 0.48
N ASP A 131 2.06 13.20 -0.78
CA ASP A 131 3.30 13.45 -1.53
CA ASP A 131 3.30 13.46 -1.53
C ASP A 131 3.63 14.93 -1.55
N ASP A 132 2.63 15.76 -1.83
CA ASP A 132 2.83 17.21 -1.82
C ASP A 132 3.28 17.70 -0.46
N ALA A 133 2.64 17.20 0.60
CA ALA A 133 3.02 17.64 1.96
C ALA A 133 4.45 17.20 2.32
N LEU A 134 4.80 15.96 2.01
CA LEU A 134 6.13 15.45 2.31
C LEU A 134 7.24 16.21 1.53
N THR A 135 7.00 16.51 0.27
CA THR A 135 7.93 17.34 -0.51
C THR A 135 8.13 18.72 0.13
N ALA A 136 7.04 19.37 0.55
CA ALA A 136 7.13 20.70 1.11
C ALA A 136 7.86 20.69 2.44
N VAL A 137 7.55 19.72 3.30
CA VAL A 137 8.18 19.68 4.63
C VAL A 137 9.66 19.34 4.55
N ARG A 138 10.10 18.65 3.50
CA ARG A 138 11.52 18.33 3.32
C ARG A 138 12.37 19.42 2.61
N ASP A 139 11.73 20.40 1.94
CA ASP A 139 12.43 21.50 1.26
C ASP A 139 13.01 22.52 2.24
N LEU B 23 15.66 4.41 -6.79
CA LEU B 23 16.92 4.11 -7.51
C LEU B 23 16.60 3.20 -8.71
N SER B 24 15.87 3.77 -9.67
CA SER B 24 15.70 3.19 -10.99
C SER B 24 17.07 2.91 -11.65
N ALA B 25 17.12 1.82 -12.38
CA ALA B 25 18.31 1.40 -13.10
C ALA B 25 18.22 1.90 -14.55
N PRO B 26 19.37 2.08 -15.21
CA PRO B 26 19.33 2.48 -16.63
C PRO B 26 18.55 1.48 -17.54
N ASP B 27 17.85 2.02 -18.53
CA ASP B 27 17.08 1.23 -19.49
C ASP B 27 16.23 0.15 -18.87
N SER B 28 15.56 0.47 -17.75
CA SER B 28 14.78 -0.47 -16.98
C SER B 28 13.37 0.07 -16.80
N ILE B 29 12.40 -0.85 -16.81
CA ILE B 29 10.98 -0.49 -16.72
C ILE B 29 10.25 -1.57 -15.97
N THR B 30 9.25 -1.17 -15.20
CA THR B 30 8.33 -2.09 -14.52
C THR B 30 6.92 -1.70 -14.94
N THR B 31 6.13 -2.67 -15.34
CA THR B 31 4.74 -2.44 -15.70
C THR B 31 3.83 -3.38 -14.90
N LEU B 32 2.91 -2.77 -14.14
CA LEU B 32 1.97 -3.49 -13.28
C LEU B 32 0.58 -3.22 -13.85
N VAL B 33 -0.20 -4.27 -14.02
CA VAL B 33 -1.53 -4.17 -14.55
C VAL B 33 -2.45 -4.74 -13.50
N GLU B 34 -3.45 -3.95 -13.11
CA GLU B 34 -4.30 -4.25 -11.98
C GLU B 34 -5.71 -3.73 -12.24
N ASP B 35 -6.71 -4.55 -11.93
CA ASP B 35 -8.11 -4.13 -11.99
C ASP B 35 -8.46 -3.36 -10.73
N HIS B 36 -9.01 -2.17 -10.87
CA HIS B 36 -9.56 -1.45 -9.73
C HIS B 36 -11.08 -1.35 -9.94
N ASP B 37 -11.83 -2.34 -9.47
CA ASP B 37 -13.29 -2.34 -9.60
C ASP B 37 -13.77 -2.04 -11.01
N GLY B 38 -13.24 -2.78 -11.98
CA GLY B 38 -13.61 -2.65 -13.39
C GLY B 38 -12.72 -1.71 -14.21
N VAL B 39 -11.97 -0.83 -13.55
CA VAL B 39 -11.03 0.06 -14.27
C VAL B 39 -9.67 -0.63 -14.32
N SER B 40 -9.13 -0.89 -15.51
CA SER B 40 -7.75 -1.43 -15.60
C SER B 40 -6.80 -0.28 -15.42
N VAL B 41 -5.87 -0.44 -14.50
CA VAL B 41 -4.83 0.52 -14.25
C VAL B 41 -3.48 -0.10 -14.63
N VAL B 42 -2.78 0.55 -15.56
CA VAL B 42 -1.45 0.18 -15.94
C VAL B 42 -0.51 1.17 -15.29
N SER B 43 0.25 0.68 -14.32
CA SER B 43 1.19 1.51 -13.59
C SER B 43 2.62 1.24 -14.04
N VAL B 44 3.32 2.31 -14.38
CA VAL B 44 4.66 2.16 -14.93
C VAL B 44 5.68 2.82 -14.01
N SER B 45 6.83 2.18 -13.86
CA SER B 45 7.92 2.72 -13.12
CA SER B 45 7.93 2.72 -13.10
C SER B 45 9.19 2.64 -13.94
N GLY B 46 10.12 3.57 -13.72
CA GLY B 46 11.41 3.57 -14.38
C GLY B 46 11.52 4.57 -15.49
N GLU B 47 11.99 4.15 -16.67
CA GLU B 47 12.19 5.08 -17.78
C GLU B 47 11.54 4.53 -19.04
N ILE B 48 10.87 5.41 -19.77
CA ILE B 48 10.23 5.09 -21.04
C ILE B 48 11.03 5.75 -22.18
N ASP B 49 11.71 4.92 -22.97
CA ASP B 49 12.39 5.40 -24.18
C ASP B 49 12.47 4.27 -25.19
N MET B 50 13.27 4.45 -26.25
CA MET B 50 13.26 3.46 -27.34
C MET B 50 13.57 2.03 -26.86
N VAL B 51 14.43 1.89 -25.85
CA VAL B 51 14.82 0.58 -25.38
C VAL B 51 13.70 -0.14 -24.62
N THR B 52 12.99 0.58 -23.76
CA THR B 52 11.92 0.01 -22.95
C THR B 52 10.51 0.08 -23.59
N ALA B 53 10.38 0.84 -24.65
CA ALA B 53 9.07 1.00 -25.34
C ALA B 53 8.37 -0.29 -25.79
N PRO B 54 9.09 -1.22 -26.43
CA PRO B 54 8.41 -2.45 -26.84
C PRO B 54 7.73 -3.19 -25.70
N ALA B 55 8.41 -3.28 -24.55
CA ALA B 55 7.81 -3.89 -23.35
C ALA B 55 6.51 -3.18 -22.94
N LEU B 56 6.54 -1.86 -22.88
CA LEU B 56 5.39 -1.10 -22.47
C LEU B 56 4.25 -1.27 -23.51
N GLU B 57 4.61 -1.20 -24.78
CA GLU B 57 3.61 -1.36 -25.87
C GLU B 57 2.89 -2.70 -25.80
N GLN B 58 3.66 -3.76 -25.55
CA GLN B 58 3.06 -5.10 -25.43
C GLN B 58 2.10 -5.22 -24.26
N ALA B 59 2.51 -4.70 -23.10
CA ALA B 59 1.65 -4.69 -21.94
C ALA B 59 0.32 -3.97 -22.20
N ILE B 60 0.41 -2.73 -22.71
CA ILE B 60 -0.79 -1.94 -22.92
C ILE B 60 -1.68 -2.61 -23.99
N GLY B 61 -1.04 -3.12 -25.03
CA GLY B 61 -1.75 -3.80 -26.12
C GLY B 61 -2.62 -4.96 -25.64
N ALA B 62 -2.09 -5.75 -24.74
CA ALA B 62 -2.86 -6.83 -24.15
C ALA B 62 -4.05 -6.33 -23.32
N VAL B 63 -3.90 -5.22 -22.59
CA VAL B 63 -5.02 -4.62 -21.84
C VAL B 63 -6.10 -4.12 -22.81
N VAL B 64 -5.67 -3.37 -23.82
CA VAL B 64 -6.58 -2.84 -24.82
C VAL B 64 -7.34 -3.99 -25.49
N ALA B 65 -6.66 -5.09 -25.77
CA ALA B 65 -7.30 -6.26 -26.42
C ALA B 65 -8.42 -6.88 -25.59
N ASP B 66 -8.39 -6.68 -24.26
CA ASP B 66 -9.45 -7.16 -23.36
C ASP B 66 -10.65 -6.22 -23.22
N SER B 67 -10.64 -5.09 -23.94
CA SER B 67 -11.78 -4.17 -23.99
C SER B 67 -12.27 -3.79 -22.60
N PRO B 68 -11.40 -3.22 -21.75
CA PRO B 68 -11.88 -2.77 -20.43
C PRO B 68 -12.88 -1.61 -20.55
N PRO B 69 -13.77 -1.44 -19.56
CA PRO B 69 -14.69 -0.30 -19.62
C PRO B 69 -13.98 1.04 -19.45
N ALA B 70 -12.84 1.00 -18.77
CA ALA B 70 -12.00 2.17 -18.65
C ALA B 70 -10.54 1.78 -18.39
N LEU B 71 -9.64 2.67 -18.78
CA LEU B 71 -8.21 2.43 -18.67
C LEU B 71 -7.53 3.67 -18.14
N VAL B 72 -6.70 3.50 -17.11
CA VAL B 72 -5.87 4.57 -16.62
C VAL B 72 -4.42 4.13 -16.74
N ILE B 73 -3.57 4.99 -17.30
CA ILE B 73 -2.14 4.74 -17.33
CA ILE B 73 -2.14 4.74 -17.31
C ILE B 73 -1.53 5.65 -16.26
N ASP B 74 -0.93 5.05 -15.26
CA ASP B 74 -0.34 5.82 -14.12
C ASP B 74 1.17 5.91 -14.29
N LEU B 75 1.64 7.11 -14.55
CA LEU B 75 3.06 7.39 -14.79
C LEU B 75 3.68 8.01 -13.56
N SER B 76 3.00 7.95 -12.42
CA SER B 76 3.56 8.55 -11.19
C SER B 76 4.98 8.14 -10.88
N ALA B 77 5.30 6.86 -11.05
CA ALA B 77 6.67 6.38 -10.75
C ALA B 77 7.66 6.40 -11.93
N VAL B 78 7.30 7.07 -13.02
CA VAL B 78 8.19 7.17 -14.17
C VAL B 78 9.12 8.33 -13.94
N GLU B 79 10.43 8.07 -14.03
CA GLU B 79 11.44 9.10 -13.78
C GLU B 79 11.90 9.81 -15.05
N PHE B 80 11.69 9.17 -16.22
CA PHE B 80 12.07 9.77 -17.48
C PHE B 80 11.04 9.30 -18.50
N LEU B 81 10.41 10.26 -19.18
CA LEU B 81 9.42 9.99 -20.22
C LEU B 81 9.96 10.58 -21.50
N GLY B 82 10.30 9.72 -22.47
CA GLY B 82 10.85 10.21 -23.72
C GLY B 82 9.77 10.28 -24.76
N SER B 83 10.16 10.74 -25.94
CA SER B 83 9.22 10.94 -27.06
C SER B 83 8.40 9.72 -27.43
N VAL B 84 9.03 8.56 -27.49
CA VAL B 84 8.30 7.36 -27.88
C VAL B 84 7.22 7.03 -26.85
N GLY B 85 7.43 7.45 -25.62
CA GLY B 85 6.40 7.30 -24.64
C GLY B 85 5.16 8.10 -24.94
N LEU B 86 5.32 9.32 -25.40
CA LEU B 86 4.22 10.13 -25.85
C LEU B 86 3.48 9.49 -27.02
N LYS B 87 4.25 8.95 -27.97
CA LYS B 87 3.66 8.25 -29.10
C LYS B 87 2.78 7.07 -28.64
N ILE B 88 3.26 6.33 -27.65
CA ILE B 88 2.51 5.21 -27.08
C ILE B 88 1.22 5.68 -26.43
N LEU B 89 1.27 6.78 -25.66
CA LEU B 89 0.06 7.32 -25.07
C LEU B 89 -0.99 7.71 -26.12
N ALA B 90 -0.55 8.46 -27.14
CA ALA B 90 -1.43 8.91 -28.20
C ALA B 90 -1.99 7.72 -28.97
N ALA B 91 -1.14 6.73 -29.28
CA ALA B 91 -1.60 5.56 -30.07
C ALA B 91 -2.61 4.71 -29.27
N THR B 92 -2.38 4.63 -27.96
CA THR B 92 -3.28 3.93 -27.06
C THR B 92 -4.66 4.60 -27.08
N TYR B 93 -4.69 5.91 -26.88
CA TYR B 93 -5.94 6.66 -26.88
C TYR B 93 -6.69 6.48 -28.22
N GLU B 94 -5.94 6.58 -29.32
CA GLU B 94 -6.51 6.49 -30.67
C GLU B 94 -7.18 5.16 -30.98
N LYS B 95 -6.74 4.07 -30.35
CA LYS B 95 -7.31 2.74 -30.58
C LYS B 95 -8.38 2.26 -29.58
N LEU B 96 -8.60 2.99 -28.50
CA LEU B 96 -9.61 2.55 -27.52
C LEU B 96 -11.04 2.63 -28.10
N GLY B 97 -11.93 1.89 -27.47
CA GLY B 97 -13.35 1.93 -27.79
C GLY B 97 -13.83 3.37 -27.68
N LYS B 98 -14.81 3.71 -28.47
CA LYS B 98 -15.32 5.07 -28.50
C LYS B 98 -15.92 5.52 -27.16
N GLU B 99 -16.39 4.59 -26.35
CA GLU B 99 -17.04 4.92 -25.09
C GLU B 99 -16.18 4.51 -23.89
N THR B 100 -14.95 4.12 -24.14
CA THR B 100 -14.06 3.64 -23.09
C THR B 100 -13.47 4.83 -22.35
N GLY B 101 -13.57 4.84 -21.03
CA GLY B 101 -12.94 5.89 -20.24
C GLY B 101 -11.41 5.78 -20.32
N PHE B 102 -10.75 6.94 -20.36
CA PHE B 102 -9.28 6.97 -20.41
C PHE B 102 -8.76 8.17 -19.64
N GLY B 103 -7.68 7.93 -18.90
CA GLY B 103 -6.96 9.00 -18.27
C GLY B 103 -5.49 8.62 -18.07
N VAL B 104 -4.66 9.63 -17.92
CA VAL B 104 -3.25 9.45 -17.60
C VAL B 104 -2.95 10.23 -16.33
N VAL B 105 -2.19 9.61 -15.45
CA VAL B 105 -1.76 10.26 -14.20
C VAL B 105 -0.29 10.64 -14.37
N ALA B 106 0.04 11.91 -14.13
CA ALA B 106 1.43 12.35 -14.15
C ALA B 106 1.67 13.41 -13.07
N ARG B 107 2.78 13.27 -12.36
CA ARG B 107 3.20 14.19 -11.33
C ARG B 107 4.61 14.68 -11.59
N GLY B 108 4.81 15.98 -11.53
CA GLY B 108 6.14 16.55 -11.67
C GLY B 108 6.52 16.73 -13.12
N PRO B 109 7.56 17.56 -13.36
CA PRO B 109 7.88 17.98 -14.71
C PRO B 109 8.39 16.92 -15.66
N ALA B 110 9.07 15.90 -15.16
CA ALA B 110 9.62 14.88 -16.06
C ALA B 110 8.54 14.22 -16.92
N THR B 111 7.37 14.00 -16.37
CA THR B 111 6.28 13.40 -17.12
C THR B 111 5.27 14.44 -17.62
N ARG B 112 4.96 15.45 -16.79
CA ARG B 112 3.93 16.41 -17.14
C ARG B 112 4.37 17.37 -18.24
N ARG B 113 5.63 17.77 -18.23
CA ARG B 113 6.10 18.75 -19.22
C ARG B 113 6.03 18.19 -20.67
N PRO B 114 6.50 16.96 -20.92
CA PRO B 114 6.39 16.44 -22.32
C PRO B 114 4.96 16.34 -22.79
N ILE B 115 4.08 15.92 -21.89
CA ILE B 115 2.67 15.81 -22.22
C ILE B 115 2.08 17.20 -22.54
N HIS B 116 2.34 18.18 -21.69
CA HIS B 116 1.89 19.57 -21.89
CA HIS B 116 1.84 19.54 -21.92
C HIS B 116 2.44 20.20 -23.18
N LEU B 117 3.75 20.07 -23.39
CA LEU B 117 4.46 20.72 -24.53
C LEU B 117 3.91 20.24 -25.87
N THR B 118 3.54 18.97 -25.93
CA THR B 118 3.08 18.38 -27.16
C THR B 118 1.57 18.45 -27.29
N GLY B 119 0.89 19.01 -26.29
CA GLY B 119 -0.54 19.22 -26.37
C GLY B 119 -1.38 18.00 -26.09
N LEU B 120 -0.75 16.91 -25.64
CA LEU B 120 -1.48 15.67 -25.48
C LEU B 120 -2.54 15.75 -24.41
N ASP B 121 -2.33 16.64 -23.43
CA ASP B 121 -3.35 16.88 -22.43
C ASP B 121 -4.59 17.65 -22.94
N LYS B 122 -4.55 18.09 -24.19
CA LYS B 122 -5.75 18.63 -24.85
C LYS B 122 -6.51 17.50 -25.58
N THR B 123 -5.87 16.37 -25.77
CA THR B 123 -6.44 15.22 -26.45
C THR B 123 -7.13 14.26 -25.50
N PHE B 124 -6.49 14.01 -24.35
CA PHE B 124 -7.09 13.16 -23.34
C PHE B 124 -6.83 13.79 -21.96
N PRO B 125 -7.58 13.34 -20.96
CA PRO B 125 -7.46 13.93 -19.63
C PRO B 125 -6.20 13.53 -18.90
N LEU B 126 -5.48 14.50 -18.38
CA LEU B 126 -4.33 14.31 -17.53
C LEU B 126 -4.73 14.62 -16.06
N TYR B 127 -4.38 13.74 -15.13
CA TYR B 127 -4.73 13.91 -13.71
C TYR B 127 -3.45 13.92 -12.87
N PRO B 128 -3.48 14.59 -11.70
CA PRO B 128 -2.33 14.61 -10.83
C PRO B 128 -2.20 13.39 -9.93
N THR B 129 -3.30 12.68 -9.71
CA THR B 129 -3.29 11.48 -8.88
C THR B 129 -4.17 10.42 -9.42
N LEU B 130 -3.92 9.19 -8.99
CA LEU B 130 -4.72 8.06 -9.42
C LEU B 130 -6.16 8.20 -8.89
N ASP B 131 -6.31 8.65 -7.63
CA ASP B 131 -7.65 8.88 -7.07
CA ASP B 131 -7.63 8.87 -7.05
C ASP B 131 -8.47 9.79 -7.93
N ASP B 132 -7.86 10.88 -8.40
CA ASP B 132 -8.57 11.81 -9.27
C ASP B 132 -8.97 11.15 -10.57
N ALA B 133 -8.06 10.36 -11.15
CA ALA B 133 -8.39 9.66 -12.40
C ALA B 133 -9.52 8.66 -12.20
N LEU B 134 -9.45 7.87 -11.13
CA LEU B 134 -10.47 6.85 -10.88
C LEU B 134 -11.86 7.47 -10.63
N THR B 135 -11.92 8.56 -9.89
CA THR B 135 -13.16 9.29 -9.70
C THR B 135 -13.76 9.76 -11.04
N ALA B 136 -12.92 10.34 -11.90
CA ALA B 136 -13.41 10.91 -13.15
C ALA B 136 -13.91 9.82 -14.06
N VAL B 137 -13.14 8.74 -14.14
CA VAL B 137 -13.45 7.65 -15.02
C VAL B 137 -14.73 6.90 -14.60
N ARG B 138 -15.07 6.93 -13.32
CA ARG B 138 -16.31 6.31 -12.83
C ARG B 138 -17.52 7.25 -12.92
N ASP B 139 -17.29 8.52 -13.27
CA ASP B 139 -18.32 9.54 -13.52
C ASP B 139 -18.97 9.99 -12.23
N LEU C 23 -28.86 1.61 17.19
CA LEU C 23 -29.71 1.08 18.30
C LEU C 23 -29.22 1.47 19.73
N SER C 24 -29.95 1.00 20.75
CA SER C 24 -29.63 1.31 22.15
C SER C 24 -28.16 1.01 22.53
N ALA C 25 -27.54 -0.08 22.04
CA ALA C 25 -26.19 -0.43 22.45
C ALA C 25 -25.17 0.14 21.46
N PRO C 26 -23.97 0.45 21.94
CA PRO C 26 -22.96 0.99 21.05
C PRO C 26 -22.60 0.01 19.96
N ASP C 27 -22.17 0.55 18.82
CA ASP C 27 -21.57 -0.28 17.81
C ASP C 27 -20.53 0.56 17.05
N SER C 28 -19.42 0.81 17.71
CA SER C 28 -18.37 1.66 17.18
C SER C 28 -16.99 1.10 17.50
N ILE C 29 -15.96 1.68 16.89
CA ILE C 29 -14.62 1.16 17.05
C ILE C 29 -13.62 2.30 16.99
N THR C 30 -12.60 2.19 17.84
CA THR C 30 -11.48 3.10 17.82
C THR C 30 -10.24 2.23 17.65
N THR C 31 -9.42 2.57 16.66
CA THR C 31 -8.22 1.79 16.33
C THR C 31 -7.06 2.75 16.35
N LEU C 32 -6.01 2.37 17.06
CA LEU C 32 -4.71 3.07 17.05
C LEU C 32 -3.62 2.12 16.52
N VAL C 33 -2.82 2.60 15.59
CA VAL C 33 -1.73 1.81 15.05
C VAL C 33 -0.41 2.56 15.22
N GLU C 34 0.54 1.91 15.89
CA GLU C 34 1.77 2.55 16.33
C GLU C 34 2.91 1.54 16.34
N ASP C 35 4.09 1.97 15.90
CA ASP C 35 5.32 1.20 16.07
C ASP C 35 5.83 1.25 17.53
N HIS C 36 6.08 0.08 18.13
CA HIS C 36 6.80 -0.01 19.41
C HIS C 36 8.17 -0.67 19.17
N ASP C 37 9.17 0.15 18.84
CA ASP C 37 10.54 -0.34 18.64
C ASP C 37 10.58 -1.52 17.68
N GLY C 38 9.96 -1.35 16.52
CA GLY C 38 9.96 -2.38 15.47
C GLY C 38 8.76 -3.32 15.47
N VAL C 39 8.04 -3.37 16.58
CA VAL C 39 6.77 -4.15 16.63
C VAL C 39 5.58 -3.22 16.35
N SER C 40 4.82 -3.49 15.30
CA SER C 40 3.59 -2.74 15.09
C SER C 40 2.52 -3.23 16.05
N VAL C 41 1.87 -2.31 16.76
CA VAL C 41 0.79 -2.61 17.68
C VAL C 41 -0.50 -1.95 17.18
N VAL C 42 -1.52 -2.77 16.95
CA VAL C 42 -2.85 -2.29 16.56
C VAL C 42 -3.73 -2.42 17.78
N SER C 43 -4.09 -1.30 18.40
CA SER C 43 -4.90 -1.29 19.61
C SER C 43 -6.34 -0.94 19.33
N VAL C 44 -7.26 -1.78 19.78
CA VAL C 44 -8.68 -1.60 19.43
C VAL C 44 -9.54 -1.39 20.70
N SER C 45 -10.50 -0.48 20.60
CA SER C 45 -11.53 -0.34 21.64
C SER C 45 -12.90 -0.36 20.97
N GLY C 46 -13.90 -0.77 21.73
CA GLY C 46 -15.27 -0.79 21.29
C GLY C 46 -15.75 -2.18 20.88
N GLU C 47 -16.53 -2.27 19.82
CA GLU C 47 -17.19 -3.51 19.44
C GLU C 47 -16.69 -3.94 18.04
N ILE C 48 -16.30 -5.24 17.88
CA ILE C 48 -15.90 -5.77 16.60
C ILE C 48 -17.00 -6.66 16.08
N ASP C 49 -17.74 -6.19 15.07
CA ASP C 49 -18.82 -6.96 14.49
C ASP C 49 -19.01 -6.44 13.05
N MET C 50 -20.08 -6.81 12.36
CA MET C 50 -20.15 -6.54 10.93
C MET C 50 -20.02 -5.05 10.57
N VAL C 51 -20.59 -4.16 11.39
CA VAL C 51 -20.58 -2.73 11.08
C VAL C 51 -19.18 -2.13 11.19
N THR C 52 -18.42 -2.60 12.18
CA THR C 52 -17.07 -2.11 12.40
C THR C 52 -15.94 -2.91 11.75
N ALA C 53 -16.26 -4.07 11.19
CA ALA C 53 -15.24 -4.96 10.61
C ALA C 53 -14.44 -4.35 9.45
N PRO C 54 -15.11 -3.67 8.50
CA PRO C 54 -14.33 -3.06 7.44
C PRO C 54 -13.25 -2.09 7.94
N ALA C 55 -13.57 -1.25 8.94
CA ALA C 55 -12.58 -0.35 9.51
C ALA C 55 -11.39 -1.11 10.09
N LEU C 56 -11.67 -2.17 10.84
CA LEU C 56 -10.59 -2.93 11.46
C LEU C 56 -9.77 -3.66 10.40
N GLU C 57 -10.42 -4.21 9.39
CA GLU C 57 -9.73 -4.88 8.28
C GLU C 57 -8.79 -3.90 7.56
N GLN C 58 -9.25 -2.68 7.30
CA GLN C 58 -8.41 -1.68 6.60
C GLN C 58 -7.17 -1.32 7.42
N ALA C 59 -7.36 -1.10 8.71
CA ALA C 59 -6.25 -0.77 9.60
C ALA C 59 -5.21 -1.88 9.67
N ILE C 60 -5.67 -3.10 9.86
CA ILE C 60 -4.76 -4.23 9.86
C ILE C 60 -4.11 -4.48 8.49
N GLY C 61 -4.90 -4.35 7.44
CA GLY C 61 -4.40 -4.53 6.09
C GLY C 61 -3.24 -3.62 5.72
N ALA C 62 -3.33 -2.36 6.13
CA ALA C 62 -2.25 -1.42 5.90
C ALA C 62 -0.97 -1.83 6.64
N VAL C 63 -1.12 -2.36 7.85
CA VAL C 63 0.03 -2.81 8.63
C VAL C 63 0.64 -4.03 7.95
N VAL C 64 -0.19 -5.00 7.57
CA VAL C 64 0.28 -6.20 6.91
C VAL C 64 0.97 -5.88 5.59
N ALA C 65 0.46 -4.89 4.86
CA ALA C 65 1.11 -4.43 3.62
C ALA C 65 2.53 -3.91 3.80
N ASP C 66 2.85 -3.40 4.99
CA ASP C 66 4.22 -2.93 5.31
C ASP C 66 5.20 -4.03 5.75
N SER C 67 4.76 -5.29 5.85
CA SER C 67 5.60 -6.42 6.27
C SER C 67 6.42 -6.10 7.54
N PRO C 68 5.75 -5.81 8.65
CA PRO C 68 6.48 -5.53 9.90
C PRO C 68 7.19 -6.81 10.39
N PRO C 69 8.25 -6.66 11.18
CA PRO C 69 8.89 -7.88 11.73
C PRO C 69 8.00 -8.61 12.74
N ALA C 70 7.10 -7.87 13.38
CA ALA C 70 6.13 -8.45 14.28
C ALA C 70 4.87 -7.58 14.39
N LEU C 71 3.75 -8.20 14.73
CA LEU C 71 2.48 -7.49 14.88
C LEU C 71 1.77 -7.99 16.13
N VAL C 72 1.35 -7.06 16.99
CA VAL C 72 0.50 -7.41 18.11
C VAL C 72 -0.83 -6.67 17.98
N ILE C 73 -1.93 -7.41 18.13
CA ILE C 73 -3.24 -6.80 18.11
C ILE C 73 -3.69 -6.80 19.56
N ASP C 74 -3.89 -5.62 20.12
CA ASP C 74 -4.29 -5.45 21.51
C ASP C 74 -5.81 -5.21 21.60
N LEU C 75 -6.53 -6.21 22.11
CA LEU C 75 -7.97 -6.20 22.26
C LEU C 75 -8.38 -5.91 23.68
N SER C 76 -7.45 -5.39 24.50
CA SER C 76 -7.77 -5.11 25.91
C SER C 76 -9.02 -4.31 26.12
N ALA C 77 -9.23 -3.28 25.29
CA ALA C 77 -10.43 -2.43 25.43
C ALA C 77 -11.64 -2.80 24.58
N VAL C 78 -11.65 -4.01 24.01
CA VAL C 78 -12.76 -4.44 23.18
C VAL C 78 -13.87 -5.08 24.05
N GLU C 79 -15.10 -4.63 23.84
CA GLU C 79 -16.27 -5.07 24.64
CA GLU C 79 -16.26 -5.09 24.63
C GLU C 79 -17.06 -6.20 23.99
N PHE C 80 -16.85 -6.43 22.68
CA PHE C 80 -17.58 -7.48 21.98
C PHE C 80 -16.73 -7.99 20.83
N LEU C 81 -16.60 -9.29 20.77
CA LEU C 81 -15.87 -9.99 19.71
C LEU C 81 -16.65 -11.23 19.28
N GLY C 82 -17.00 -11.26 17.99
CA GLY C 82 -17.87 -12.26 17.42
C GLY C 82 -17.22 -12.98 16.22
N SER C 83 -18.06 -13.57 15.38
CA SER C 83 -17.56 -14.39 14.26
C SER C 83 -16.73 -13.64 13.25
N VAL C 84 -17.18 -12.46 12.81
CA VAL C 84 -16.41 -11.71 11.84
C VAL C 84 -15.07 -11.29 12.42
N GLY C 85 -15.03 -10.91 13.69
CA GLY C 85 -13.79 -10.54 14.31
C GLY C 85 -12.81 -11.69 14.44
N LEU C 86 -13.29 -12.88 14.79
CA LEU C 86 -12.45 -14.05 14.81
C LEU C 86 -11.90 -14.41 13.41
N LYS C 87 -12.73 -14.21 12.39
CA LYS C 87 -12.30 -14.41 10.99
C LYS C 87 -11.17 -13.47 10.61
N ILE C 88 -11.29 -12.22 11.02
CA ILE C 88 -10.23 -11.22 10.78
C ILE C 88 -8.92 -11.61 11.49
N LEU C 89 -8.99 -12.01 12.77
CA LEU C 89 -7.77 -12.47 13.48
C LEU C 89 -7.08 -13.64 12.78
N ALA C 90 -7.87 -14.65 12.40
CA ALA C 90 -7.33 -15.83 11.70
C ALA C 90 -6.75 -15.47 10.34
N ALA C 91 -7.44 -14.62 9.59
CA ALA C 91 -6.95 -14.21 8.27
C ALA C 91 -5.67 -13.41 8.41
N THR C 92 -5.58 -12.61 9.48
CA THR C 92 -4.40 -11.79 9.69
C THR C 92 -3.18 -12.69 9.93
N TYR C 93 -3.35 -13.66 10.83
CA TYR C 93 -2.30 -14.63 11.07
C TYR C 93 -1.88 -15.31 9.74
N GLU C 94 -2.84 -15.71 8.93
CA GLU C 94 -2.52 -16.41 7.66
C GLU C 94 -1.82 -15.52 6.63
N LYS C 95 -2.08 -14.22 6.68
CA LYS C 95 -1.55 -13.30 5.67
C LYS C 95 -0.17 -12.84 6.03
N LEU C 96 0.13 -12.83 7.32
CA LEU C 96 1.46 -12.45 7.75
C LEU C 96 2.54 -13.41 7.26
N GLY C 97 3.74 -12.86 7.14
CA GLY C 97 4.90 -13.60 6.68
C GLY C 97 5.18 -14.83 7.53
N LYS C 98 5.86 -15.80 6.92
CA LYS C 98 6.17 -17.04 7.57
C LYS C 98 7.05 -16.88 8.81
N GLU C 99 7.83 -15.81 8.89
CA GLU C 99 8.74 -15.58 9.99
C GLU C 99 8.34 -14.39 10.84
N THR C 100 7.12 -13.87 10.64
CA THR C 100 6.69 -12.64 11.33
C THR C 100 6.09 -13.00 12.69
N GLY C 101 6.50 -12.30 13.74
CA GLY C 101 5.91 -12.52 15.07
C GLY C 101 4.46 -12.04 15.09
N PHE C 102 3.61 -12.77 15.80
CA PHE C 102 2.22 -12.37 15.95
C PHE C 102 1.69 -12.78 17.30
N GLY C 103 0.96 -11.86 17.91
CA GLY C 103 0.31 -12.14 19.19
C GLY C 103 -0.95 -11.31 19.30
N VAL C 104 -1.88 -11.80 20.09
CA VAL C 104 -3.09 -11.07 20.40
C VAL C 104 -3.17 -10.92 21.92
N VAL C 105 -3.53 -9.74 22.39
CA VAL C 105 -3.73 -9.46 23.81
C VAL C 105 -5.23 -9.44 24.09
N ALA C 106 -5.67 -10.27 25.03
CA ALA C 106 -7.06 -10.28 25.41
C ALA C 106 -7.14 -10.45 26.91
N ARG C 107 -7.90 -9.57 27.56
CA ARG C 107 -7.96 -9.54 29.00
C ARG C 107 -9.20 -10.28 29.49
N GLY C 108 -10.38 -9.75 29.26
CA GLY C 108 -11.58 -10.36 29.91
C GLY C 108 -12.33 -11.40 29.08
N PRO C 109 -13.46 -11.90 29.61
CA PRO C 109 -14.24 -12.91 28.88
C PRO C 109 -14.79 -12.49 27.53
N ALA C 110 -15.02 -11.21 27.33
CA ALA C 110 -15.61 -10.78 26.06
C ALA C 110 -14.72 -11.09 24.88
N THR C 111 -13.42 -11.04 25.08
CA THR C 111 -12.49 -11.33 24.03
C THR C 111 -11.82 -12.69 24.14
N ARG C 112 -11.51 -13.10 25.37
CA ARG C 112 -10.84 -14.39 25.60
C ARG C 112 -11.70 -15.58 25.31
N ARG C 113 -12.97 -15.55 25.66
CA ARG C 113 -13.81 -16.72 25.39
C ARG C 113 -14.01 -17.00 23.89
N PRO C 114 -14.32 -15.98 23.08
CA PRO C 114 -14.46 -16.34 21.67
C PRO C 114 -13.20 -16.93 21.06
N ILE C 115 -12.04 -16.37 21.41
CA ILE C 115 -10.77 -16.86 20.88
C ILE C 115 -10.42 -18.28 21.38
N HIS C 116 -10.52 -18.47 22.71
CA HIS C 116 -10.28 -19.77 23.35
C HIS C 116 -11.29 -20.81 22.95
N LEU C 117 -12.57 -20.46 22.99
CA LEU C 117 -13.58 -21.49 22.79
C LEU C 117 -13.67 -21.95 21.32
N THR C 118 -13.22 -21.12 20.37
CA THR C 118 -13.17 -21.54 18.97
C THR C 118 -11.82 -22.11 18.59
N GLY C 119 -10.88 -22.19 19.55
CA GLY C 119 -9.59 -22.82 19.27
C GLY C 119 -8.53 -21.99 18.57
N LEU C 120 -8.78 -20.69 18.35
CA LEU C 120 -7.78 -19.86 17.66
C LEU C 120 -6.48 -19.67 18.39
N ASP C 121 -6.51 -19.71 19.72
CA ASP C 121 -5.28 -19.63 20.50
C ASP C 121 -4.42 -20.90 20.36
N LYS C 122 -4.89 -21.92 19.64
CA LYS C 122 -4.05 -23.06 19.25
C LYS C 122 -3.24 -22.74 18.01
N THR C 123 -3.66 -21.70 17.30
CA THR C 123 -3.05 -21.28 16.05
C THR C 123 -2.04 -20.20 16.28
N PHE C 124 -2.36 -19.24 17.15
CA PHE C 124 -1.45 -18.18 17.47
C PHE C 124 -1.52 -17.87 18.95
N PRO C 125 -0.49 -17.20 19.47
CA PRO C 125 -0.39 -16.93 20.89
C PRO C 125 -1.36 -15.87 21.38
N LEU C 126 -1.99 -16.15 22.51
CA LEU C 126 -2.83 -15.20 23.20
C LEU C 126 -2.17 -14.79 24.53
N TYR C 127 -2.09 -13.48 24.79
CA TYR C 127 -1.44 -12.95 25.98
C TYR C 127 -2.40 -12.15 26.82
N PRO C 128 -2.17 -12.04 28.14
CA PRO C 128 -3.06 -11.29 29.01
C PRO C 128 -2.72 -9.80 29.07
N THR C 129 -1.51 -9.41 28.66
CA THR C 129 -1.12 -8.00 28.66
C THR C 129 -0.25 -7.69 27.48
N LEU C 130 -0.17 -6.42 27.13
CA LEU C 130 0.67 -5.98 26.04
C LEU C 130 2.16 -6.20 26.36
N ASP C 131 2.55 -5.93 27.61
CA ASP C 131 3.95 -6.18 28.04
C ASP C 131 4.35 -7.62 27.79
N ASP C 132 3.49 -8.56 28.15
CA ASP C 132 3.76 -9.98 27.91
C ASP C 132 3.91 -10.29 26.45
N ALA C 133 3.03 -9.71 25.62
CA ALA C 133 3.12 -9.91 24.18
C ALA C 133 4.41 -9.35 23.59
N LEU C 134 4.76 -8.13 23.99
CA LEU C 134 5.96 -7.49 23.46
C LEU C 134 7.23 -8.26 23.86
N THR C 135 7.29 -8.71 25.10
CA THR C 135 8.40 -9.56 25.55
C THR C 135 8.53 -10.83 24.71
N ALA C 136 7.42 -11.52 24.47
CA ALA C 136 7.46 -12.77 23.71
C ALA C 136 7.87 -12.53 22.27
N VAL C 137 7.30 -11.49 21.67
CA VAL C 137 7.54 -11.20 20.27
C VAL C 137 8.99 -10.74 20.00
N ARG C 138 9.65 -10.19 21.02
CA ARG C 138 11.05 -9.80 20.91
C ARG C 138 12.01 -10.96 21.22
N ASP C 139 11.48 -12.10 21.70
CA ASP C 139 12.22 -13.34 21.93
C ASP C 139 13.12 -13.22 23.16
N ALA D 25 28.91 -4.79 -20.66
CA ALA D 25 27.73 -5.68 -20.70
C ALA D 25 26.46 -4.95 -20.19
N PRO D 26 25.28 -5.40 -20.64
CA PRO D 26 24.05 -4.81 -20.13
C PRO D 26 23.90 -4.96 -18.62
N ASP D 27 23.19 -4.02 -18.03
CA ASP D 27 22.80 -4.17 -16.65
C ASP D 27 21.45 -3.49 -16.43
N SER D 28 20.41 -4.11 -16.95
CA SER D 28 19.07 -3.54 -16.95
C SER D 28 18.01 -4.60 -16.68
N ILE D 29 16.80 -4.18 -16.40
CA ILE D 29 15.75 -5.10 -16.03
C ILE D 29 14.41 -4.61 -16.56
N THR D 30 13.61 -5.56 -17.02
CA THR D 30 12.25 -5.31 -17.45
C THR D 30 11.39 -6.26 -16.61
N THR D 31 10.38 -5.69 -15.95
CA THR D 31 9.51 -6.46 -15.06
C THR D 31 8.07 -6.19 -15.53
N LEU D 32 7.31 -7.27 -15.69
CA LEU D 32 5.88 -7.25 -15.98
C LEU D 32 5.14 -7.97 -14.85
N VAL D 33 4.12 -7.32 -14.31
CA VAL D 33 3.31 -7.90 -13.25
C VAL D 33 1.86 -7.94 -13.70
N GLU D 34 1.28 -9.14 -13.66
CA GLU D 34 -0.02 -9.40 -14.23
C GLU D 34 -0.73 -10.52 -13.45
N ASP D 35 -2.03 -10.35 -13.25
CA ASP D 35 -2.89 -11.43 -12.73
C ASP D 35 -3.20 -12.48 -13.80
N HIS D 36 -2.94 -13.77 -13.51
CA HIS D 36 -3.41 -14.88 -14.34
C HIS D 36 -4.47 -15.68 -13.55
N ASP D 37 -5.73 -15.26 -13.69
CA ASP D 37 -6.86 -15.94 -13.03
C ASP D 37 -6.61 -16.17 -11.56
N GLY D 38 -6.24 -15.10 -10.85
CA GLY D 38 -6.00 -15.16 -9.39
C GLY D 38 -4.54 -15.39 -8.97
N VAL D 39 -3.70 -15.88 -9.89
CA VAL D 39 -2.26 -16.01 -9.61
C VAL D 39 -1.51 -14.77 -10.14
N SER D 40 -0.85 -14.03 -9.27
CA SER D 40 0.00 -12.94 -9.74
C SER D 40 1.29 -13.52 -10.31
N VAL D 41 1.64 -13.11 -11.52
CA VAL D 41 2.87 -13.50 -12.17
C VAL D 41 3.76 -12.27 -12.36
N VAL D 42 4.97 -12.34 -11.79
CA VAL D 42 5.99 -11.32 -11.98
C VAL D 42 7.02 -11.88 -12.97
N SER D 43 7.02 -11.36 -14.19
CA SER D 43 7.92 -11.82 -15.23
C SER D 43 9.08 -10.89 -15.41
N VAL D 44 10.29 -11.43 -15.35
CA VAL D 44 11.50 -10.60 -15.39
C VAL D 44 12.36 -10.94 -16.62
N SER D 45 12.94 -9.92 -17.22
CA SER D 45 13.97 -10.09 -18.24
C SER D 45 15.17 -9.21 -17.92
N GLY D 46 16.34 -9.63 -18.37
CA GLY D 46 17.56 -8.88 -18.20
C GLY D 46 18.42 -9.43 -17.09
N GLU D 47 19.06 -8.56 -16.31
CA GLU D 47 20.05 -8.95 -15.34
C GLU D 47 19.57 -8.58 -13.93
N ILE D 48 19.67 -9.52 -12.98
CA ILE D 48 19.32 -9.24 -11.57
C ILE D 48 20.61 -9.16 -10.76
N ASP D 49 20.99 -7.96 -10.37
CA ASP D 49 22.19 -7.77 -9.57
C ASP D 49 22.00 -6.44 -8.83
N MET D 50 23.04 -5.89 -8.23
CA MET D 50 22.85 -4.77 -7.30
C MET D 50 22.17 -3.54 -7.92
N VAL D 51 22.50 -3.21 -9.17
CA VAL D 51 21.96 -2.03 -9.82
C VAL D 51 20.44 -2.19 -10.09
N THR D 52 20.02 -3.41 -10.43
CA THR D 52 18.63 -3.68 -10.75
C THR D 52 17.77 -4.23 -9.61
N ALA D 53 18.40 -4.56 -8.48
CA ALA D 53 17.69 -5.16 -7.35
C ALA D 53 16.60 -4.27 -6.75
N PRO D 54 16.86 -2.97 -6.55
CA PRO D 54 15.79 -2.14 -5.99
C PRO D 54 14.52 -2.15 -6.84
N ALA D 55 14.66 -2.08 -8.17
CA ALA D 55 13.48 -2.16 -9.05
C ALA D 55 12.72 -3.45 -8.88
N LEU D 56 13.43 -4.57 -8.84
CA LEU D 56 12.78 -5.85 -8.68
C LEU D 56 12.12 -5.96 -7.31
N GLU D 57 12.80 -5.51 -6.27
CA GLU D 57 12.25 -5.52 -4.92
C GLU D 57 10.96 -4.71 -4.86
N GLN D 58 10.94 -3.53 -5.47
CA GLN D 58 9.72 -2.68 -5.47
C GLN D 58 8.56 -3.39 -6.16
N ALA D 59 8.82 -4.00 -7.31
CA ALA D 59 7.77 -4.68 -8.05
C ALA D 59 7.18 -5.84 -7.26
N ILE D 60 8.06 -6.66 -6.69
CA ILE D 60 7.61 -7.77 -5.88
C ILE D 60 6.92 -7.29 -4.61
N GLY D 61 7.45 -6.25 -4.01
CA GLY D 61 6.89 -5.68 -2.77
C GLY D 61 5.45 -5.21 -2.93
N ALA D 62 5.15 -4.58 -4.05
CA ALA D 62 3.80 -4.16 -4.33
C ALA D 62 2.84 -5.36 -4.47
N VAL D 63 3.32 -6.45 -5.06
CA VAL D 63 2.52 -7.63 -5.22
C VAL D 63 2.27 -8.28 -3.85
N VAL D 64 3.33 -8.40 -3.05
CA VAL D 64 3.24 -8.99 -1.76
C VAL D 64 2.29 -8.18 -0.86
N ALA D 65 2.32 -6.86 -0.99
CA ALA D 65 1.41 -5.98 -0.25
C ALA D 65 -0.07 -6.21 -0.54
N ASP D 66 -0.40 -6.72 -1.73
CA ASP D 66 -1.78 -7.07 -2.10
C ASP D 66 -2.25 -8.45 -1.60
N SER D 67 -1.40 -9.21 -0.93
CA SER D 67 -1.75 -10.57 -0.42
C SER D 67 -2.44 -11.43 -1.49
N PRO D 68 -1.78 -11.71 -2.61
CA PRO D 68 -2.37 -12.59 -3.62
C PRO D 68 -2.52 -14.03 -3.09
N PRO D 69 -3.44 -14.81 -3.65
CA PRO D 69 -3.53 -16.21 -3.22
C PRO D 69 -2.32 -17.06 -3.66
N ALA D 70 -1.67 -16.64 -4.74
CA ALA D 70 -0.45 -17.26 -5.19
C ALA D 70 0.41 -16.27 -6.00
N LEU D 71 1.71 -16.53 -6.01
CA LEU D 71 2.68 -15.70 -6.74
C LEU D 71 3.64 -16.60 -7.48
N VAL D 72 3.81 -16.34 -8.78
CA VAL D 72 4.86 -17.00 -9.54
C VAL D 72 5.83 -15.94 -10.07
N ILE D 73 7.12 -16.17 -9.86
CA ILE D 73 8.15 -15.27 -10.41
C ILE D 73 8.75 -16.03 -11.59
N ASP D 74 8.57 -15.51 -12.78
CA ASP D 74 9.07 -16.12 -14.02
C ASP D 74 10.40 -15.48 -14.45
N LEU D 75 11.48 -16.24 -14.29
CA LEU D 75 12.84 -15.82 -14.60
C LEU D 75 13.29 -16.39 -15.93
N SER D 76 12.34 -16.84 -16.76
CA SER D 76 12.71 -17.41 -18.06
C SER D 76 13.64 -16.54 -18.88
N ALA D 77 13.36 -15.22 -18.90
CA ALA D 77 14.18 -14.29 -19.71
C ALA D 77 15.32 -13.60 -18.99
N VAL D 78 15.70 -14.11 -17.82
CA VAL D 78 16.78 -13.51 -17.05
C VAL D 78 18.14 -14.10 -17.47
N GLU D 79 19.10 -13.23 -17.76
CA GLU D 79 20.43 -13.63 -18.26
C GLU D 79 21.48 -13.74 -17.18
N PHE D 80 21.21 -13.15 -16.01
CA PHE D 80 22.16 -13.21 -14.91
C PHE D 80 21.40 -13.15 -13.58
N LEU D 81 21.75 -14.07 -12.69
CA LEU D 81 21.20 -14.13 -11.36
C LEU D 81 22.31 -14.44 -10.36
N GLY D 82 22.47 -13.55 -9.40
CA GLY D 82 23.56 -13.59 -8.42
C GLY D 82 23.06 -13.55 -6.98
N SER D 83 23.94 -13.21 -6.06
CA SER D 83 23.60 -13.24 -4.64
C SER D 83 22.44 -12.38 -4.23
N VAL D 84 22.43 -11.10 -4.68
CA VAL D 84 21.33 -10.24 -4.28
C VAL D 84 20.00 -10.77 -4.81
N GLY D 85 19.99 -11.32 -6.04
CA GLY D 85 18.78 -11.86 -6.59
C GLY D 85 18.30 -13.08 -5.82
N LEU D 86 19.21 -13.95 -5.42
CA LEU D 86 18.82 -15.08 -4.56
C LEU D 86 18.27 -14.63 -3.21
N LYS D 87 18.84 -13.58 -2.67
CA LYS D 87 18.36 -12.99 -1.39
C LYS D 87 16.91 -12.47 -1.55
N ILE D 88 16.63 -11.83 -2.68
CA ILE D 88 15.28 -11.34 -2.98
C ILE D 88 14.27 -12.51 -3.08
N LEU D 89 14.64 -13.57 -3.83
CA LEU D 89 13.75 -14.76 -3.90
C LEU D 89 13.45 -15.37 -2.54
N ALA D 90 14.48 -15.59 -1.75
CA ALA D 90 14.30 -16.15 -0.40
C ALA D 90 13.48 -15.23 0.49
N ALA D 91 13.74 -13.93 0.42
CA ALA D 91 12.98 -12.97 1.27
C ALA D 91 11.51 -12.93 0.83
N THR D 92 11.28 -13.08 -0.47
CA THR D 92 9.92 -13.05 -0.99
C THR D 92 9.14 -14.25 -0.43
N TYR D 93 9.73 -15.43 -0.53
CA TYR D 93 9.10 -16.62 0.04
C TYR D 93 8.79 -16.38 1.53
N GLU D 94 9.72 -15.83 2.28
CA GLU D 94 9.51 -15.58 3.72
C GLU D 94 8.43 -14.56 4.04
N LYS D 95 8.25 -13.59 3.13
CA LYS D 95 7.32 -12.48 3.39
C LYS D 95 5.91 -12.84 3.00
N LEU D 96 5.78 -13.76 2.04
CA LEU D 96 4.46 -14.25 1.68
C LEU D 96 3.73 -14.94 2.82
N GLY D 97 2.39 -14.91 2.73
CA GLY D 97 1.52 -15.54 3.70
C GLY D 97 1.77 -17.01 3.89
N LYS D 98 1.33 -17.51 5.05
CA LYS D 98 1.58 -18.88 5.44
C LYS D 98 0.98 -19.91 4.47
N GLU D 99 -0.11 -19.55 3.79
CA GLU D 99 -0.84 -20.51 2.98
C GLU D 99 -0.84 -19.99 1.49
N THR D 100 0.07 -19.06 1.16
CA THR D 100 0.13 -18.50 -0.20
C THR D 100 0.99 -19.37 -1.11
N GLY D 101 0.49 -19.70 -2.30
CA GLY D 101 1.28 -20.50 -3.25
C GLY D 101 2.47 -19.68 -3.75
N PHE D 102 3.60 -20.33 -3.97
CA PHE D 102 4.78 -19.66 -4.52
C PHE D 102 5.58 -20.62 -5.38
N GLY D 103 6.03 -20.12 -6.53
CA GLY D 103 6.87 -20.90 -7.42
C GLY D 103 7.75 -19.95 -8.19
N VAL D 104 8.88 -20.46 -8.63
CA VAL D 104 9.78 -19.74 -9.50
C VAL D 104 10.01 -20.56 -10.75
N VAL D 105 9.98 -19.91 -11.90
CA VAL D 105 10.24 -20.54 -13.20
C VAL D 105 11.66 -20.18 -13.62
N ALA D 106 12.48 -21.20 -13.91
CA ALA D 106 13.82 -20.96 -14.37
C ALA D 106 14.15 -22.00 -15.42
N ARG D 107 14.65 -21.53 -16.55
CA ARG D 107 14.85 -22.40 -17.71
C ARG D 107 16.32 -22.79 -17.79
N GLY D 108 17.20 -21.88 -18.10
CA GLY D 108 18.59 -22.28 -18.38
C GLY D 108 19.56 -22.22 -17.20
N PRO D 109 20.84 -22.51 -17.45
CA PRO D 109 21.85 -22.49 -16.37
C PRO D 109 22.06 -21.17 -15.69
N ALA D 110 21.79 -20.06 -16.38
CA ALA D 110 22.01 -18.75 -15.73
C ALA D 110 21.14 -18.53 -14.49
N THR D 111 19.95 -19.08 -14.50
CA THR D 111 19.07 -18.95 -13.38
C THR D 111 18.93 -20.21 -12.53
N ARG D 112 18.95 -21.36 -13.18
CA ARG D 112 18.80 -22.63 -12.46
C ARG D 112 19.99 -23.02 -11.61
N ARG D 113 21.20 -22.77 -12.09
CA ARG D 113 22.35 -23.13 -11.28
C ARG D 113 22.46 -22.32 -9.97
N PRO D 114 22.27 -20.98 -10.02
CA PRO D 114 22.36 -20.30 -8.71
C PRO D 114 21.32 -20.77 -7.69
N ILE D 115 20.09 -20.98 -8.15
CA ILE D 115 19.03 -21.43 -7.28
C ILE D 115 19.27 -22.88 -6.74
N HIS D 116 19.60 -23.79 -7.65
CA HIS D 116 19.90 -25.18 -7.30
C HIS D 116 21.16 -25.33 -6.50
N LEU D 117 22.24 -24.68 -6.94
CA LEU D 117 23.51 -24.91 -6.28
C LEU D 117 23.57 -24.26 -4.88
N THR D 118 22.74 -23.27 -4.59
CA THR D 118 22.69 -22.70 -3.24
C THR D 118 21.60 -23.34 -2.39
N GLY D 119 20.86 -24.30 -2.95
CA GLY D 119 19.83 -25.03 -2.18
C GLY D 119 18.48 -24.36 -2.02
N LEU D 120 18.22 -23.23 -2.67
CA LEU D 120 16.93 -22.55 -2.52
C LEU D 120 15.73 -23.32 -3.02
N ASP D 121 15.94 -24.16 -4.02
CA ASP D 121 14.87 -25.01 -4.51
C ASP D 121 14.49 -26.12 -3.50
N LYS D 122 15.20 -26.23 -2.37
CA LYS D 122 14.75 -27.07 -1.25
C LYS D 122 13.76 -26.32 -0.39
N THR D 123 13.72 -25.00 -0.53
CA THR D 123 12.84 -24.12 0.26
C THR D 123 11.54 -23.86 -0.46
N PHE D 124 11.60 -23.63 -1.76
CA PHE D 124 10.39 -23.41 -2.54
C PHE D 124 10.54 -24.09 -3.89
N PRO D 125 9.43 -24.32 -4.56
CA PRO D 125 9.41 -25.04 -5.81
C PRO D 125 9.99 -24.28 -6.99
N LEU D 126 10.81 -24.97 -7.77
CA LEU D 126 11.35 -24.47 -9.02
C LEU D 126 10.75 -25.25 -10.20
N TYR D 127 10.26 -24.54 -11.21
CA TYR D 127 9.62 -25.12 -12.37
C TYR D 127 10.35 -24.77 -13.65
N PRO D 128 10.25 -25.62 -14.68
CA PRO D 128 10.91 -25.32 -15.95
C PRO D 128 10.09 -24.43 -16.89
N THR D 129 8.78 -24.34 -16.67
CA THR D 129 7.92 -23.49 -17.49
C THR D 129 6.85 -22.82 -16.65
N LEU D 130 6.28 -21.75 -17.18
CA LEU D 130 5.21 -21.04 -16.49
C LEU D 130 3.96 -21.92 -16.39
N ASP D 131 3.66 -22.64 -17.48
CA ASP D 131 2.51 -23.58 -17.47
C ASP D 131 2.60 -24.57 -16.32
N ASP D 132 3.78 -25.16 -16.12
CA ASP D 132 4.00 -26.09 -15.02
C ASP D 132 3.78 -25.42 -13.68
N ALA D 133 4.29 -24.20 -13.52
CA ALA D 133 4.10 -23.47 -12.26
C ALA D 133 2.64 -23.13 -11.99
N LEU D 134 1.94 -22.67 -13.01
CA LEU D 134 0.52 -22.32 -12.85
C LEU D 134 -0.33 -23.55 -12.51
N THR D 135 -0.07 -24.66 -13.18
CA THR D 135 -0.76 -25.92 -12.85
C THR D 135 -0.54 -26.33 -11.39
N ALA D 136 0.72 -26.28 -10.93
CA ALA D 136 1.02 -26.67 -9.57
C ALA D 136 0.36 -25.75 -8.55
N VAL D 137 0.46 -24.45 -8.80
CA VAL D 137 -0.05 -23.46 -7.87
C VAL D 137 -1.58 -23.50 -7.76
N ARG D 138 -2.27 -23.98 -8.79
CA ARG D 138 -3.73 -24.10 -8.76
C ARG D 138 -4.33 -25.39 -8.13
N ASP D 139 -3.51 -26.40 -7.83
CA ASP D 139 -4.04 -27.64 -7.24
C ASP D 139 -4.16 -27.54 -5.72
C1 CIT E . -15.39 24.42 -0.39
O1 CIT E . -14.68 25.13 0.39
O2 CIT E . -16.59 24.17 -0.24
C2 CIT E . -14.75 23.81 -1.63
C3 CIT E . -13.50 23.09 -1.18
O7 CIT E . -13.37 23.38 0.21
C4 CIT E . -13.61 21.57 -1.33
C5 CIT E . -13.11 20.97 -2.62
O3 CIT E . -13.13 21.69 -3.65
O4 CIT E . -12.71 19.78 -2.61
C6 CIT E . -12.26 23.71 -1.81
O5 CIT E . -11.22 23.03 -1.85
O6 CIT E . -12.35 24.90 -2.21
C1 EDO F . -12.24 3.93 10.13
O1 EDO F . -12.71 4.42 8.86
C2 EDO F . -13.31 3.95 11.23
O2 EDO F . -14.67 3.95 10.69
C1 EDO G . -21.35 5.69 5.98
O1 EDO G . -22.41 6.65 6.03
C2 EDO G . -20.25 6.25 5.09
O2 EDO G . -19.04 5.47 5.16
C1 EDO H . -8.53 26.02 19.78
O1 EDO H . -7.70 24.90 19.43
C2 EDO H . -8.29 27.16 18.80
O2 EDO H . -9.29 27.11 17.77
C1 GOL I . -15.11 26.56 14.42
O1 GOL I . -15.89 25.38 14.10
C2 GOL I . -13.79 26.31 15.22
O2 GOL I . -13.74 24.92 15.64
C3 GOL I . -12.53 26.76 14.44
O3 GOL I . -11.27 26.53 15.12
C1 CIT J . 4.41 20.26 -12.72
O1 CIT J . 3.56 21.15 -12.51
O2 CIT J . 4.68 19.37 -11.91
C2 CIT J . 5.16 20.22 -14.03
C3 CIT J . 4.82 21.27 -15.09
O7 CIT J . 5.50 22.50 -14.79
C4 CIT J . 5.35 20.77 -16.42
C5 CIT J . 5.73 21.85 -17.39
O3 CIT J . 4.91 22.05 -18.33
O4 CIT J . 6.83 22.46 -17.25
C6 CIT J . 3.34 21.57 -15.26
O5 CIT J . 2.46 20.74 -14.87
O6 CIT J . 3.06 22.66 -15.82
C1 EDO K . 12.90 0.00 -13.15
O1 EDO K . 13.99 0.91 -12.83
C2 EDO K . 11.69 0.15 -12.21
O2 EDO K . 11.64 1.38 -11.47
C1 EDO L . -10.40 15.52 -22.90
O1 EDO L . -10.46 14.44 -23.84
C2 EDO L . -9.14 16.35 -23.10
O2 EDO L . -8.69 16.92 -21.86
C1 GOL M . 4.35 13.54 -30.12
O1 GOL M . 3.37 12.51 -29.86
C2 GOL M . 5.74 13.25 -29.50
O2 GOL M . 6.36 12.03 -29.98
C3 GOL M . 6.76 14.37 -29.76
O3 GOL M . 7.99 14.20 -29.01
C1 CIT N . -22.98 -9.47 13.12
O1 CIT N . -24.07 -8.98 12.73
O2 CIT N . -21.95 -8.73 13.32
C2 CIT N . -22.93 -10.99 13.27
C3 CIT N . -22.11 -11.52 14.45
O7 CIT N . -22.56 -10.88 15.66
C4 CIT N . -22.34 -13.04 14.46
C5 CIT N . -21.91 -13.81 15.68
O3 CIT N . -22.73 -14.67 16.13
O4 CIT N . -20.82 -13.55 16.26
C6 CIT N . -20.62 -11.25 14.33
O5 CIT N . -20.04 -10.62 15.27
O6 CIT N . -19.96 -11.69 13.36
C1 EDO O . -13.64 1.79 5.82
O1 EDO O . -13.36 2.62 6.95
C2 EDO O . -12.36 1.04 5.47
O2 EDO O . -12.61 0.07 4.43
C1 EDO P . -20.85 -3.64 24.24
O1 EDO P . -21.86 -2.62 24.30
C2 EDO P . -21.51 -4.97 23.99
O2 EDO P . -22.01 -5.49 25.23
C1 EDO Q . 0.87 -22.26 19.04
O1 EDO Q . 1.23 -20.98 18.51
C2 EDO Q . 0.10 -22.01 20.33
O2 EDO Q . -0.31 -20.64 20.34
C1 EDO R . 6.28 0.43 25.67
O1 EDO R . 6.23 -0.17 24.37
C2 EDO R . 4.90 1.00 26.01
O2 EDO R . 4.11 -0.01 26.66
C1 EDO S . -7.56 -9.90 7.01
O1 EDO S . -6.63 -9.03 7.70
C2 EDO S . -8.95 -9.29 6.93
O2 EDO S . -10.00 -10.30 6.95
C1 EDO T . 0.97 -18.44 24.56
O1 EDO T . 2.21 -18.93 24.03
C2 EDO T . 1.23 -17.22 25.46
O2 EDO T . 0.50 -17.31 26.69
C1 CIT U . 26.78 -7.20 -7.53
O1 CIT U . 25.60 -7.17 -8.02
O2 CIT U . 27.57 -6.24 -7.69
C2 CIT U . 27.28 -8.37 -6.68
C3 CIT U . 26.90 -9.78 -7.16
O7 CIT U . 27.21 -9.93 -8.56
C4 CIT U . 27.67 -10.75 -6.27
C5 CIT U . 27.65 -12.21 -6.70
O3 CIT U . 26.60 -12.75 -7.11
O4 CIT U . 28.75 -12.83 -6.64
C6 CIT U . 25.41 -10.01 -7.05
O5 CIT U . 24.75 -10.30 -8.11
O6 CIT U . 24.85 -9.94 -5.92
C1 EDO V . 12.01 -8.97 -1.55
O1 EDO V . 10.66 -9.37 -1.30
C2 EDO V . 12.65 -8.31 -0.32
O2 EDO V . 14.09 -8.28 -0.47
C1 EDO W . 24.59 -10.09 -19.52
O1 EDO W . 24.00 -10.70 -20.65
C2 EDO W . 24.92 -11.15 -18.48
O2 EDO W . 25.92 -12.08 -18.94
C1 GOL X . 22.17 -26.88 -14.79
O1 GOL X . 23.27 -26.96 -15.74
C2 GOL X . 20.94 -26.08 -15.25
O2 GOL X . 19.73 -26.72 -14.79
C3 GOL X . 20.91 -25.94 -16.77
O3 GOL X . 19.65 -25.47 -17.29
#